data_7TN6
#
_entry.id   7TN6
#
_cell.length_a   98.161
_cell.length_b   98.161
_cell.length_c   202.430
_cell.angle_alpha   90.000
_cell.angle_beta   90.000
_cell.angle_gamma   120.000
#
_symmetry.space_group_name_H-M   'P 61 2 2'
#
loop_
_entity.id
_entity.type
_entity.pdbx_description
1 polymer 'Inositol-tetrakisphosphate 1-kinase 1'
2 non-polymer 'CHLORIDE ION'
3 water water
#
_entity_poly.entity_id   1
_entity_poly.type   'polypeptide(L)'
_entity_poly.pdbx_seq_one_letter_code
;MASDAAAEPSSGVTHPPRYVIGYALAPKKQQSFIQPSLVAQAASRGMDLVPVDASQPLAEQGPFHLLIHKLYGDDWRAQL
VAFAARHPAVPIVDPPHAIDRLHNRISMLQVVSELDHAADQDSTFGIPSQVVVYDAAALADFGLLAALRFPLIAKPLVAD
GTAKSHKMSLVYHREGLGKLRPPLVLQEFVNAGGVIFKVYVVGGHVTCVKRRSLPDVSPEDDASAQGSVSFSQVSNLPTE
RTAEEYYGEKSLEDAVVPPAAFINQIAGGLRRALGLQLFNFDMIRDVRAGDRYLVIDINYFPGYAKMPGYETVLTDFFWE
MVHKDGVGNQQEEKGANHVVVK
;
_entity_poly.pdbx_strand_id   A
#
loop_
_chem_comp.id
_chem_comp.type
_chem_comp.name
_chem_comp.formula
CL non-polymer 'CHLORIDE ION' 'Cl -1'
#
# COMPACT_ATOMS: atom_id res chain seq x y z
N PRO A 16 -25.13 23.55 11.17
CA PRO A 16 -24.58 22.90 9.96
C PRO A 16 -24.54 21.37 10.08
N PRO A 17 -24.23 20.61 9.00
CA PRO A 17 -24.39 19.15 9.01
C PRO A 17 -23.15 18.48 9.60
N ARG A 18 -23.30 17.21 10.00
CA ARG A 18 -22.18 16.42 10.56
C ARG A 18 -22.02 15.14 9.74
N TYR A 19 -20.77 14.66 9.67
CA TYR A 19 -20.34 13.62 8.71
C TYR A 19 -19.79 12.44 9.48
N VAL A 20 -20.42 11.28 9.36
CA VAL A 20 -19.88 10.06 10.03
C VAL A 20 -18.82 9.42 9.14
N ILE A 21 -17.64 9.15 9.71
CA ILE A 21 -16.60 8.33 9.06
C ILE A 21 -16.58 7.00 9.80
N GLY A 22 -17.14 5.96 9.20
CA GLY A 22 -16.98 4.61 9.74
C GLY A 22 -15.54 4.16 9.60
N TYR A 23 -15.01 3.40 10.55
CA TYR A 23 -13.66 2.82 10.45
C TYR A 23 -13.68 1.38 10.95
N ALA A 24 -13.37 0.52 10.01
CA ALA A 24 -13.17 -0.90 10.26
C ALA A 24 -11.67 -1.19 10.13
N LEU A 25 -10.97 -1.30 11.25
CA LEU A 25 -9.50 -1.54 11.32
C LEU A 25 -9.18 -2.59 12.38
N ALA A 26 -8.19 -3.43 12.11
CA ALA A 26 -7.53 -4.28 13.12
C ALA A 26 -7.13 -3.43 14.31
N PRO A 27 -7.28 -3.94 15.56
CA PRO A 27 -6.84 -3.21 16.75
C PRO A 27 -5.44 -2.57 16.76
N LYS A 28 -4.41 -3.26 16.26
CA LYS A 28 -3.04 -2.67 16.20
C LYS A 28 -3.06 -1.42 15.29
N LYS A 29 -3.79 -1.47 14.17
CA LYS A 29 -3.96 -0.33 13.23
C LYS A 29 -4.82 0.77 13.89
N GLN A 30 -5.88 0.41 14.60
CA GLN A 30 -6.66 1.41 15.36
C GLN A 30 -5.73 2.20 16.27
N GLN A 31 -4.86 1.47 16.98
CA GLN A 31 -4.00 2.08 18.02
C GLN A 31 -3.13 3.10 17.28
N SER A 32 -2.50 2.72 16.17
CA SER A 32 -1.49 3.56 15.45
C SER A 32 -2.20 4.67 14.70
N PHE A 33 -3.28 4.36 13.99
CA PHE A 33 -3.92 5.33 13.07
C PHE A 33 -4.95 6.23 13.76
N ILE A 34 -5.87 5.63 14.52
CA ILE A 34 -6.96 6.42 15.15
C ILE A 34 -6.42 6.98 16.44
N GLN A 35 -5.84 8.16 16.38
CA GLN A 35 -5.21 8.83 17.53
C GLN A 35 -6.05 10.02 17.94
N PRO A 36 -5.91 10.41 19.22
CA PRO A 36 -6.73 11.48 19.75
C PRO A 36 -6.64 12.71 18.86
N SER A 37 -5.43 13.03 18.39
CA SER A 37 -5.17 14.22 17.52
C SER A 37 -5.95 14.12 16.21
N LEU A 38 -6.03 12.93 15.62
CA LEU A 38 -6.91 12.69 14.43
C LEU A 38 -8.38 12.88 14.80
N VAL A 39 -8.82 12.24 15.89
CA VAL A 39 -10.26 12.22 16.32
C VAL A 39 -10.70 13.66 16.58
N ALA A 40 -9.88 14.41 17.32
CA ALA A 40 -10.14 15.81 17.69
C ALA A 40 -10.23 16.70 16.44
N GLN A 41 -9.17 16.72 15.60
CA GLN A 41 -9.13 17.61 14.42
C GLN A 41 -10.36 17.30 13.58
N ALA A 42 -10.63 16.03 13.35
CA ALA A 42 -11.75 15.62 12.48
C ALA A 42 -13.06 16.11 13.10
N ALA A 43 -13.28 15.81 14.40
CA ALA A 43 -14.49 16.22 15.19
C ALA A 43 -14.63 17.74 15.13
N SER A 44 -13.53 18.45 15.27
CA SER A 44 -13.48 19.93 15.25
C SER A 44 -13.93 20.48 13.91
N ARG A 45 -13.82 19.68 12.86
CA ARG A 45 -14.25 20.08 11.50
C ARG A 45 -15.59 19.44 11.14
N GLY A 46 -16.27 18.83 12.11
CA GLY A 46 -17.61 18.27 11.84
C GLY A 46 -17.61 16.83 11.39
N MET A 47 -16.49 16.13 11.55
CA MET A 47 -16.37 14.73 11.06
C MET A 47 -16.10 13.78 12.23
N ASP A 48 -17.04 12.88 12.46
CA ASP A 48 -17.02 11.92 13.59
C ASP A 48 -16.45 10.58 13.11
N LEU A 49 -15.25 10.25 13.55
CA LEU A 49 -14.71 8.90 13.30
C LEU A 49 -15.39 7.93 14.25
N VAL A 50 -16.12 6.96 13.71
CA VAL A 50 -16.98 6.01 14.46
C VAL A 50 -16.49 4.60 14.17
N PRO A 51 -16.14 3.79 15.20
CA PRO A 51 -15.60 2.45 14.97
C PRO A 51 -16.71 1.52 14.48
N VAL A 52 -16.46 0.72 13.45
CA VAL A 52 -17.40 -0.32 12.94
C VAL A 52 -17.27 -1.50 13.88
N ASP A 53 -18.37 -1.85 14.57
CA ASP A 53 -18.45 -3.05 15.44
C ASP A 53 -18.04 -4.25 14.60
N ALA A 54 -16.95 -4.94 14.97
CA ALA A 54 -16.58 -6.19 14.24
C ALA A 54 -17.56 -7.32 14.57
N SER A 55 -18.33 -7.23 15.66
CA SER A 55 -19.19 -8.31 16.20
C SER A 55 -20.63 -8.12 15.76
N GLN A 56 -20.89 -7.53 14.60
CA GLN A 56 -22.23 -7.01 14.26
C GLN A 56 -22.14 -6.60 12.80
N PRO A 57 -22.88 -7.24 11.90
CA PRO A 57 -22.85 -6.88 10.48
C PRO A 57 -22.84 -5.38 10.13
N LEU A 58 -22.05 -5.02 9.13
CA LEU A 58 -21.99 -3.63 8.63
C LEU A 58 -23.39 -3.14 8.31
N ALA A 59 -24.24 -3.92 7.63
CA ALA A 59 -25.52 -3.39 7.08
C ALA A 59 -26.42 -2.94 8.25
N GLU A 60 -26.27 -3.54 9.44
CA GLU A 60 -26.99 -3.14 10.68
C GLU A 60 -26.46 -1.77 11.17
N GLN A 61 -25.17 -1.49 10.98
CA GLN A 61 -24.46 -0.39 11.70
C GLN A 61 -24.77 0.94 11.05
N GLY A 62 -24.62 2.00 11.86
CA GLY A 62 -25.36 3.28 11.78
C GLY A 62 -25.07 3.87 10.42
N PRO A 63 -25.80 4.92 9.98
CA PRO A 63 -25.56 5.47 8.64
C PRO A 63 -24.13 6.08 8.63
N PHE A 64 -23.42 5.97 7.51
CA PHE A 64 -22.02 6.44 7.30
C PHE A 64 -21.95 7.40 6.11
N HIS A 65 -21.17 8.47 6.20
CA HIS A 65 -20.95 9.38 5.06
C HIS A 65 -19.68 8.94 4.31
N LEU A 66 -18.91 8.06 4.92
CA LEU A 66 -17.66 7.55 4.34
C LEU A 66 -17.27 6.30 5.11
N LEU A 67 -16.77 5.29 4.42
CA LEU A 67 -16.32 4.07 5.12
C LEU A 67 -14.82 3.89 4.83
N ILE A 68 -13.97 3.90 5.82
CA ILE A 68 -12.53 3.58 5.60
C ILE A 68 -12.28 2.29 6.34
N HIS A 69 -11.52 1.38 5.75
CA HIS A 69 -11.26 0.05 6.37
C HIS A 69 -9.91 -0.49 5.90
N LYS A 70 -9.37 -1.41 6.70
CA LYS A 70 -8.23 -2.25 6.32
C LYS A 70 -8.44 -3.58 7.06
N LEU A 71 -9.42 -4.36 6.58
CA LEU A 71 -9.70 -5.73 7.08
C LEU A 71 -9.70 -6.65 5.86
N TYR A 72 -9.27 -7.89 6.10
CA TYR A 72 -8.98 -8.90 5.08
C TYR A 72 -9.77 -10.15 5.46
N GLY A 73 -10.83 -10.42 4.70
CA GLY A 73 -11.66 -11.62 4.90
C GLY A 73 -12.53 -11.81 3.70
N ASP A 74 -12.98 -13.03 3.44
CA ASP A 74 -14.08 -13.23 2.46
C ASP A 74 -15.33 -12.72 3.21
N ASP A 75 -15.32 -12.83 4.54
CA ASP A 75 -16.44 -12.41 5.43
C ASP A 75 -16.64 -10.91 5.26
N TRP A 76 -15.66 -10.12 5.73
CA TRP A 76 -15.58 -8.65 5.57
C TRP A 76 -15.92 -8.25 4.12
N ARG A 77 -15.24 -8.82 3.12
CA ARG A 77 -15.44 -8.47 1.70
C ARG A 77 -16.94 -8.48 1.38
N ALA A 78 -17.62 -9.53 1.86
CA ALA A 78 -19.05 -9.83 1.59
C ALA A 78 -19.93 -8.68 2.09
N GLN A 79 -19.73 -8.29 3.37
CA GLN A 79 -20.47 -7.17 4.01
C GLN A 79 -20.16 -5.88 3.26
N LEU A 80 -18.93 -5.69 2.80
CA LEU A 80 -18.54 -4.41 2.14
C LEU A 80 -19.26 -4.26 0.81
N VAL A 81 -19.58 -5.39 0.20
CA VAL A 81 -20.23 -5.46 -1.13
C VAL A 81 -21.75 -5.28 -0.97
N ALA A 82 -22.36 -5.95 0.02
CA ALA A 82 -23.76 -5.69 0.41
C ALA A 82 -23.96 -4.18 0.48
N PHE A 83 -23.21 -3.56 1.40
CA PHE A 83 -23.21 -2.13 1.74
C PHE A 83 -23.10 -1.29 0.46
N ALA A 84 -22.18 -1.63 -0.42
CA ALA A 84 -21.79 -0.78 -1.58
C ALA A 84 -22.95 -0.72 -2.58
N ALA A 85 -23.68 -1.83 -2.74
CA ALA A 85 -24.93 -1.91 -3.54
C ALA A 85 -26.08 -1.29 -2.75
N ARG A 86 -26.15 -1.55 -1.43
CA ARG A 86 -27.15 -0.95 -0.51
C ARG A 86 -27.03 0.58 -0.49
N HIS A 87 -25.83 1.15 -0.62
CA HIS A 87 -25.53 2.57 -0.27
C HIS A 87 -24.55 3.16 -1.29
N PRO A 88 -24.90 3.21 -2.58
CA PRO A 88 -23.94 3.54 -3.62
C PRO A 88 -23.23 4.91 -3.49
N ALA A 89 -23.92 5.93 -2.99
CA ALA A 89 -23.38 7.32 -2.93
C ALA A 89 -22.27 7.46 -1.86
N VAL A 90 -22.18 6.49 -0.94
CA VAL A 90 -21.23 6.42 0.21
C VAL A 90 -19.87 5.89 -0.23
N PRO A 91 -18.83 6.75 -0.24
CA PRO A 91 -17.49 6.33 -0.63
C PRO A 91 -16.91 5.28 0.33
N ILE A 92 -16.38 4.20 -0.26
CA ILE A 92 -15.56 3.18 0.43
C ILE A 92 -14.09 3.46 0.12
N VAL A 93 -13.27 3.57 1.15
CA VAL A 93 -11.81 3.84 1.04
C VAL A 93 -11.09 2.68 1.74
N ASP A 94 -10.53 1.77 0.91
CA ASP A 94 -10.77 1.75 -0.52
C ASP A 94 -11.67 0.57 -0.92
N PRO A 95 -12.23 0.57 -2.16
CA PRO A 95 -13.12 -0.49 -2.65
C PRO A 95 -12.39 -1.81 -2.75
N PRO A 96 -12.98 -2.93 -2.32
CA PRO A 96 -12.21 -4.15 -2.10
C PRO A 96 -11.69 -4.78 -3.40
N HIS A 97 -12.30 -4.49 -4.54
CA HIS A 97 -11.76 -4.81 -5.90
C HIS A 97 -10.33 -4.26 -6.00
N ALA A 98 -10.21 -2.92 -5.94
CA ALA A 98 -8.94 -2.16 -6.05
C ALA A 98 -7.90 -2.76 -5.11
N ILE A 99 -8.29 -3.18 -3.91
CA ILE A 99 -7.35 -3.65 -2.86
C ILE A 99 -6.85 -5.05 -3.20
N ASP A 100 -7.63 -5.86 -3.91
CA ASP A 100 -7.30 -7.29 -4.19
C ASP A 100 -6.07 -7.33 -5.13
N ARG A 101 -6.01 -6.44 -6.13
CA ARG A 101 -4.81 -6.24 -7.01
C ARG A 101 -3.49 -6.21 -6.22
N LEU A 102 -3.39 -5.56 -5.07
CA LEU A 102 -2.09 -5.51 -4.32
C LEU A 102 -1.80 -6.73 -3.43
N HIS A 103 -2.68 -7.73 -3.33
CA HIS A 103 -2.51 -8.79 -2.30
C HIS A 103 -1.44 -9.83 -2.66
N ASN A 104 -1.34 -10.19 -3.93
CA ASN A 104 -0.28 -11.08 -4.49
C ASN A 104 0.82 -10.18 -5.10
N ARG A 105 2.08 -10.32 -4.64
CA ARG A 105 3.18 -9.34 -4.89
C ARG A 105 3.57 -9.27 -6.38
N ILE A 106 2.97 -10.11 -7.23
CA ILE A 106 3.17 -10.04 -8.72
C ILE A 106 2.09 -9.15 -9.34
N SER A 107 0.85 -9.28 -8.83
CA SER A 107 -0.33 -8.50 -9.30
C SER A 107 -0.14 -7.01 -9.04
N MET A 108 0.51 -6.70 -7.92
CA MET A 108 0.78 -5.32 -7.46
C MET A 108 1.62 -4.60 -8.52
N LEU A 109 2.67 -5.26 -8.98
CA LEU A 109 3.50 -4.63 -10.02
C LEU A 109 2.76 -4.62 -11.36
N GLN A 110 1.82 -5.54 -11.61
CA GLN A 110 1.06 -5.48 -12.90
C GLN A 110 0.31 -4.14 -12.98
N VAL A 111 -0.33 -3.81 -11.85
CA VAL A 111 -1.08 -2.51 -11.86
C VAL A 111 -0.07 -1.35 -11.97
N VAL A 112 1.10 -1.45 -11.36
CA VAL A 112 2.09 -0.35 -11.53
C VAL A 112 2.45 -0.17 -13.00
N SER A 113 2.62 -1.25 -13.75
CA SER A 113 2.99 -1.20 -15.20
C SER A 113 1.95 -0.48 -16.07
N GLU A 114 0.69 -0.37 -15.65
CA GLU A 114 -0.29 0.31 -16.55
C GLU A 114 0.04 1.74 -17.08
N LEU A 115 0.57 2.73 -16.33
CA LEU A 115 0.77 4.10 -16.88
C LEU A 115 2.27 4.36 -17.05
N ASP A 116 2.74 4.48 -18.29
CA ASP A 116 4.18 4.75 -18.55
C ASP A 116 4.33 6.08 -19.31
N HIS A 117 3.21 6.78 -19.52
CA HIS A 117 3.22 8.06 -20.25
C HIS A 117 4.09 9.06 -19.48
N ALA A 118 3.97 9.08 -18.16
CA ALA A 118 4.81 9.99 -17.33
C ALA A 118 6.29 9.74 -17.68
N GLN A 121 9.91 13.04 -19.70
CA GLN A 121 10.73 14.04 -18.96
C GLN A 121 12.16 13.53 -18.81
N ASP A 122 12.94 14.18 -17.95
CA ASP A 122 14.36 13.89 -17.64
C ASP A 122 14.52 12.52 -16.96
N SER A 123 13.63 12.16 -16.03
CA SER A 123 13.70 10.89 -15.26
C SER A 123 12.78 9.81 -15.86
N THR A 124 13.05 8.53 -15.57
CA THR A 124 12.25 7.39 -16.10
C THR A 124 11.86 6.44 -14.96
N PHE A 125 10.76 5.70 -15.10
CA PHE A 125 10.36 4.77 -14.01
C PHE A 125 10.11 3.39 -14.61
N GLY A 126 10.72 2.36 -14.03
CA GLY A 126 10.37 0.97 -14.35
C GLY A 126 9.82 0.17 -13.18
N ILE A 127 9.28 -1.01 -13.51
CA ILE A 127 9.12 -2.14 -12.56
C ILE A 127 10.29 -3.09 -12.73
N PRO A 128 10.90 -3.55 -11.62
CA PRO A 128 11.87 -4.62 -11.68
C PRO A 128 11.19 -5.95 -11.98
N SER A 129 11.77 -6.68 -12.93
CA SER A 129 11.54 -8.13 -13.23
C SER A 129 11.54 -8.92 -11.92
N GLN A 130 10.68 -9.94 -11.83
CA GLN A 130 10.50 -10.79 -10.62
C GLN A 130 10.51 -12.28 -10.98
N VAL A 131 10.89 -13.09 -9.99
CA VAL A 131 10.95 -14.56 -10.00
C VAL A 131 10.03 -15.03 -8.86
N VAL A 132 9.19 -16.00 -9.17
CA VAL A 132 8.19 -16.54 -8.21
C VAL A 132 8.54 -18.01 -8.05
N VAL A 133 8.74 -18.42 -6.82
CA VAL A 133 9.14 -19.81 -6.49
C VAL A 133 8.03 -20.30 -5.55
N TYR A 134 7.27 -21.34 -5.96
CA TYR A 134 5.99 -21.74 -5.32
C TYR A 134 6.23 -22.85 -4.29
N ASP A 135 7.18 -23.75 -4.55
CA ASP A 135 7.45 -24.99 -3.78
C ASP A 135 8.94 -25.02 -3.39
N ALA A 136 9.26 -25.50 -2.18
CA ALA A 136 10.62 -25.89 -1.72
C ALA A 136 11.40 -26.69 -2.79
N ALA A 137 10.74 -27.57 -3.54
CA ALA A 137 11.33 -28.41 -4.62
C ALA A 137 12.01 -27.51 -5.66
N ALA A 138 11.35 -26.43 -6.06
CA ALA A 138 11.90 -25.46 -7.03
C ALA A 138 13.05 -24.65 -6.40
N LEU A 139 12.93 -24.29 -5.12
CA LEU A 139 13.95 -23.45 -4.43
C LEU A 139 15.32 -24.14 -4.54
N ALA A 140 15.34 -25.44 -4.27
CA ALA A 140 16.53 -26.31 -4.40
C ALA A 140 16.91 -26.49 -5.86
N ASP A 141 15.96 -26.80 -6.76
CA ASP A 141 16.23 -27.45 -8.07
C ASP A 141 16.18 -26.45 -9.23
N PHE A 142 15.41 -25.37 -9.12
CA PHE A 142 15.22 -24.38 -10.22
C PHE A 142 16.57 -23.77 -10.57
N GLY A 143 17.06 -24.16 -11.75
CA GLY A 143 18.37 -23.78 -12.27
C GLY A 143 18.54 -22.29 -12.27
N LEU A 144 17.53 -21.55 -12.70
CA LEU A 144 17.64 -20.09 -12.92
C LEU A 144 18.11 -19.40 -11.64
N LEU A 145 17.84 -19.96 -10.46
CA LEU A 145 18.13 -19.24 -9.20
C LEU A 145 19.64 -19.05 -9.06
N ALA A 146 20.45 -19.97 -9.57
CA ALA A 146 21.92 -19.96 -9.41
C ALA A 146 22.56 -18.87 -10.30
N ALA A 147 21.86 -18.32 -11.30
CA ALA A 147 22.21 -17.12 -12.10
C ALA A 147 21.70 -15.80 -11.48
N LEU A 148 21.35 -15.78 -10.19
CA LEU A 148 20.81 -14.58 -9.51
C LEU A 148 21.98 -13.89 -8.86
N ARG A 149 21.98 -12.55 -8.94
CA ARG A 149 22.94 -11.74 -8.16
C ARG A 149 22.40 -11.47 -6.75
N PHE A 150 23.28 -11.40 -5.75
CA PHE A 150 22.94 -11.01 -4.36
C PHE A 150 23.43 -9.60 -4.03
N PRO A 151 22.83 -8.92 -3.04
CA PRO A 151 21.56 -9.33 -2.46
C PRO A 151 20.28 -9.27 -3.32
N LEU A 152 19.27 -9.92 -2.73
CA LEU A 152 17.86 -10.10 -3.15
C LEU A 152 16.94 -9.51 -2.07
N ILE A 153 15.95 -8.76 -2.53
CA ILE A 153 14.64 -8.53 -1.86
C ILE A 153 13.84 -9.83 -2.00
N ALA A 154 13.58 -10.56 -0.91
CA ALA A 154 12.65 -11.73 -0.91
C ALA A 154 11.39 -11.40 -0.10
N LYS A 155 10.25 -11.26 -0.79
CA LYS A 155 8.91 -11.12 -0.16
C LYS A 155 8.15 -12.43 -0.34
N PRO A 156 7.29 -12.85 0.63
CA PRO A 156 6.30 -13.91 0.40
C PRO A 156 5.24 -13.49 -0.63
N LEU A 157 4.69 -14.42 -1.40
CA LEU A 157 3.94 -14.05 -2.62
C LEU A 157 2.69 -13.26 -2.20
N VAL A 158 1.85 -13.81 -1.31
CA VAL A 158 0.55 -13.21 -0.84
C VAL A 158 0.72 -12.49 0.50
N ALA A 159 0.24 -11.23 0.54
CA ALA A 159 0.46 -10.19 1.59
C ALA A 159 -0.89 -9.75 2.18
N ASP A 160 -0.90 -8.77 3.08
CA ASP A 160 -2.12 -8.12 3.62
C ASP A 160 -1.73 -6.85 4.42
N GLY A 161 -1.10 -7.03 5.58
CA GLY A 161 -0.90 -5.98 6.60
C GLY A 161 -1.24 -6.50 7.99
N THR A 162 -1.97 -7.62 8.09
CA THR A 162 -2.37 -8.27 9.36
C THR A 162 -1.40 -9.44 9.67
N ALA A 163 -1.17 -10.36 8.72
CA ALA A 163 -0.21 -11.50 8.87
C ALA A 163 1.23 -10.94 8.91
N LYS A 164 2.00 -11.36 9.93
CA LYS A 164 3.33 -10.79 10.30
C LYS A 164 4.31 -10.90 9.12
N SER A 165 4.47 -12.11 8.58
CA SER A 165 5.57 -12.50 7.65
C SER A 165 5.50 -11.69 6.35
N HIS A 166 4.54 -10.77 6.20
CA HIS A 166 4.12 -10.19 4.89
C HIS A 166 4.81 -8.83 4.63
N LYS A 167 6.03 -8.65 5.14
CA LYS A 167 6.93 -7.49 4.82
C LYS A 167 8.29 -8.02 4.30
N MET A 168 8.92 -7.25 3.39
CA MET A 168 10.14 -7.58 2.57
C MET A 168 11.34 -7.94 3.46
N SER A 169 12.33 -8.67 2.91
CA SER A 169 13.59 -9.03 3.60
C SER A 169 14.74 -9.27 2.59
N LEU A 170 16.00 -9.26 3.08
CA LEU A 170 17.23 -9.12 2.25
C LEU A 170 18.08 -10.37 2.39
N VAL A 171 18.52 -10.94 1.28
CA VAL A 171 19.22 -12.26 1.27
C VAL A 171 20.56 -12.07 0.55
N TYR A 172 21.65 -12.54 1.17
CA TYR A 172 23.04 -12.31 0.72
C TYR A 172 23.65 -13.60 0.17
N HIS A 173 23.40 -14.73 0.85
CA HIS A 173 23.87 -16.10 0.49
C HIS A 173 22.68 -16.88 -0.11
N ARG A 174 22.92 -17.87 -0.98
CA ARG A 174 21.91 -18.83 -1.49
C ARG A 174 21.47 -19.77 -0.35
N GLU A 175 22.34 -20.01 0.64
CA GLU A 175 22.02 -20.76 1.89
C GLU A 175 20.80 -20.10 2.54
N GLY A 176 20.92 -18.81 2.86
CA GLY A 176 19.86 -18.02 3.49
C GLY A 176 18.54 -18.07 2.72
N LEU A 177 18.59 -18.19 1.38
CA LEU A 177 17.37 -18.21 0.51
C LEU A 177 16.59 -19.51 0.73
N GLY A 178 17.32 -20.64 0.77
CA GLY A 178 16.76 -21.99 1.00
C GLY A 178 16.07 -22.10 2.35
N LYS A 179 16.47 -21.29 3.35
CA LYS A 179 15.86 -21.26 4.70
C LYS A 179 14.56 -20.44 4.71
N LEU A 180 14.02 -20.06 3.54
CA LEU A 180 12.78 -19.25 3.43
C LEU A 180 11.60 -20.13 3.05
N ARG A 181 10.41 -19.62 3.33
CA ARG A 181 9.15 -20.38 3.25
C ARG A 181 8.43 -19.94 1.98
N PRO A 182 8.44 -20.76 0.90
CA PRO A 182 7.62 -20.42 -0.27
C PRO A 182 6.12 -20.52 0.02
N PRO A 183 5.23 -20.00 -0.86
CA PRO A 183 5.64 -19.32 -2.08
C PRO A 183 6.37 -18.04 -1.69
N LEU A 184 7.20 -17.51 -2.59
CA LEU A 184 7.86 -16.18 -2.43
C LEU A 184 8.20 -15.60 -3.79
N VAL A 185 8.35 -14.28 -3.82
CA VAL A 185 8.81 -13.49 -4.99
C VAL A 185 10.15 -12.87 -4.62
N LEU A 186 11.13 -12.94 -5.54
CA LEU A 186 12.48 -12.34 -5.38
C LEU A 186 12.64 -11.27 -6.43
N GLN A 187 13.24 -10.13 -6.11
CA GLN A 187 13.88 -9.25 -7.14
C GLN A 187 15.35 -9.00 -6.79
N GLU A 188 16.13 -8.71 -7.83
CA GLU A 188 17.56 -8.30 -7.71
C GLU A 188 17.61 -6.92 -7.02
N PHE A 189 18.66 -6.70 -6.23
CA PHE A 189 18.83 -5.45 -5.47
C PHE A 189 20.21 -4.82 -5.71
N VAL A 190 20.93 -5.23 -6.75
CA VAL A 190 22.34 -4.79 -6.96
C VAL A 190 22.35 -3.43 -7.66
N ASN A 191 21.32 -3.06 -8.43
CA ASN A 191 21.35 -1.80 -9.21
C ASN A 191 20.83 -0.61 -8.38
N ALA A 192 20.49 -0.84 -7.13
CA ALA A 192 19.70 0.10 -6.28
C ALA A 192 20.61 1.12 -5.58
N GLY A 193 21.89 0.79 -5.41
CA GLY A 193 22.89 1.68 -4.80
C GLY A 193 22.79 1.61 -3.30
N GLY A 194 21.80 0.84 -2.82
CA GLY A 194 21.53 0.58 -1.39
C GLY A 194 20.51 1.54 -0.81
N VAL A 195 19.82 2.33 -1.63
CA VAL A 195 18.85 3.35 -1.11
C VAL A 195 17.40 3.02 -1.53
N ILE A 196 16.44 3.40 -0.65
CA ILE A 196 14.98 3.20 -0.80
C ILE A 196 14.26 4.47 -0.32
N PHE A 197 13.39 5.03 -1.14
CA PHE A 197 12.47 6.16 -0.81
C PHE A 197 11.06 5.60 -0.72
N LYS A 198 10.40 5.87 0.40
CA LYS A 198 9.04 5.37 0.73
C LYS A 198 8.10 6.55 0.51
N VAL A 199 7.36 6.57 -0.58
CA VAL A 199 6.44 7.69 -0.93
C VAL A 199 5.08 7.30 -0.37
N TYR A 200 4.43 8.19 0.38
CA TYR A 200 3.09 8.00 1.01
C TYR A 200 2.09 8.84 0.22
N VAL A 201 0.91 8.31 -0.08
CA VAL A 201 -0.10 9.00 -0.93
C VAL A 201 -1.43 9.00 -0.22
N VAL A 202 -2.10 10.15 -0.22
CA VAL A 202 -3.50 10.30 0.24
C VAL A 202 -4.23 11.07 -0.86
N GLY A 203 -5.31 10.53 -1.42
CA GLY A 203 -5.93 11.08 -2.64
C GLY A 203 -4.86 11.65 -3.56
N GLY A 204 -4.86 12.97 -3.77
CA GLY A 204 -3.97 13.70 -4.68
C GLY A 204 -2.79 14.35 -3.98
N HIS A 205 -2.57 13.98 -2.71
CA HIS A 205 -1.48 14.51 -1.87
C HIS A 205 -0.36 13.47 -1.84
N VAL A 206 0.89 13.91 -1.76
CA VAL A 206 2.02 12.97 -1.70
C VAL A 206 2.92 13.40 -0.56
N THR A 207 3.49 12.46 0.20
CA THR A 207 4.54 12.73 1.20
C THR A 207 5.66 11.68 1.03
N CYS A 208 6.92 12.05 1.17
CA CYS A 208 8.03 11.15 0.78
C CYS A 208 9.11 11.07 1.86
N VAL A 209 9.72 9.89 2.06
CA VAL A 209 10.69 9.64 3.17
C VAL A 209 11.88 8.78 2.72
N LYS A 210 13.09 9.05 3.21
CA LYS A 210 14.33 8.30 2.87
C LYS A 210 14.42 7.04 3.75
N ARG A 211 15.42 6.18 3.52
CA ARG A 211 15.62 4.94 4.33
C ARG A 211 16.81 4.15 3.76
N ARG A 212 17.80 3.89 4.62
CA ARG A 212 19.03 3.10 4.32
C ARG A 212 18.80 1.63 4.73
N SER A 213 19.26 0.65 3.94
CA SER A 213 19.16 -0.80 4.26
C SER A 213 20.56 -1.43 4.21
N VAL A 256 20.49 12.93 -2.90
CA VAL A 256 20.18 12.52 -4.31
C VAL A 256 18.72 12.00 -4.35
N VAL A 257 17.79 12.96 -4.42
CA VAL A 257 16.34 12.79 -4.08
C VAL A 257 15.54 13.07 -5.34
N PRO A 258 14.65 12.13 -5.78
CA PRO A 258 13.97 12.28 -7.06
C PRO A 258 13.28 13.65 -7.15
N PRO A 259 13.30 14.31 -8.33
CA PRO A 259 12.56 15.56 -8.49
C PRO A 259 11.15 15.34 -7.94
N ALA A 260 10.63 16.28 -7.16
CA ALA A 260 9.24 16.29 -6.65
C ALA A 260 8.24 16.16 -7.81
N ALA A 261 8.48 16.73 -8.99
CA ALA A 261 7.50 16.64 -10.10
C ALA A 261 7.45 15.19 -10.62
N PHE A 262 8.54 14.42 -10.49
CA PHE A 262 8.61 13.00 -10.94
C PHE A 262 7.76 12.12 -10.01
N ILE A 263 8.00 12.27 -8.71
CA ILE A 263 7.26 11.52 -7.67
C ILE A 263 5.77 11.79 -7.87
N ASN A 264 5.38 13.05 -8.05
CA ASN A 264 3.95 13.41 -8.22
C ASN A 264 3.37 12.74 -9.48
N GLN A 265 4.11 12.70 -10.60
CA GLN A 265 3.67 12.05 -11.88
C GLN A 265 3.30 10.60 -11.64
N ILE A 266 4.18 9.89 -10.92
CA ILE A 266 4.11 8.44 -10.57
C ILE A 266 2.97 8.22 -9.60
N ALA A 267 2.98 8.99 -8.51
CA ALA A 267 1.93 8.96 -7.47
C ALA A 267 0.59 9.13 -8.18
N GLY A 268 0.51 10.11 -9.07
CA GLY A 268 -0.70 10.35 -9.88
C GLY A 268 -1.05 9.13 -10.69
N GLY A 269 -0.05 8.60 -11.42
CA GLY A 269 -0.22 7.41 -12.28
C GLY A 269 -0.73 6.23 -11.45
N LEU A 270 0.01 5.91 -10.39
CA LEU A 270 -0.32 4.77 -9.53
C LEU A 270 -1.77 4.95 -9.10
N ARG A 271 -2.18 6.15 -8.72
CA ARG A 271 -3.53 6.41 -8.16
C ARG A 271 -4.63 6.09 -9.19
N ARG A 272 -4.50 6.61 -10.43
CA ARG A 272 -5.44 6.29 -11.54
C ARG A 272 -5.51 4.76 -11.74
N ALA A 273 -4.35 4.15 -12.03
CA ALA A 273 -4.14 2.70 -12.27
C ALA A 273 -4.65 1.88 -11.07
N LEU A 274 -4.23 2.21 -9.85
CA LEU A 274 -4.53 1.39 -8.66
C LEU A 274 -6.01 1.53 -8.29
N GLY A 275 -6.65 2.65 -8.65
CA GLY A 275 -7.98 3.07 -8.14
C GLY A 275 -8.03 3.15 -6.62
N LEU A 276 -6.98 3.65 -6.00
CA LEU A 276 -6.78 3.60 -4.52
C LEU A 276 -6.44 5.00 -4.02
N GLN A 277 -7.03 5.39 -2.91
CA GLN A 277 -6.83 6.75 -2.35
C GLN A 277 -5.68 6.69 -1.34
N LEU A 278 -5.48 5.52 -0.73
CA LEU A 278 -4.59 5.33 0.46
C LEU A 278 -3.61 4.21 0.16
N PHE A 279 -2.42 4.57 -0.26
CA PHE A 279 -1.33 3.59 -0.49
C PHE A 279 -0.01 4.31 -0.32
N ASN A 280 1.07 3.55 -0.21
CA ASN A 280 2.40 4.13 -0.49
C ASN A 280 3.12 3.24 -1.51
N PHE A 281 4.28 3.69 -1.99
CA PHE A 281 5.14 2.92 -2.90
C PHE A 281 6.59 3.20 -2.57
N ASP A 282 7.39 2.14 -2.61
CA ASP A 282 8.86 2.20 -2.51
C ASP A 282 9.42 2.32 -3.92
N MET A 283 10.32 3.27 -4.11
CA MET A 283 11.14 3.34 -5.34
C MET A 283 12.63 3.36 -4.97
N ILE A 284 13.45 2.75 -5.83
CA ILE A 284 14.94 2.87 -5.80
C ILE A 284 15.39 3.62 -7.05
N ARG A 285 16.50 4.34 -6.91
CA ARG A 285 17.31 4.76 -8.09
C ARG A 285 17.97 3.50 -8.69
N ASP A 286 17.80 3.32 -10.01
CA ASP A 286 18.69 2.48 -10.84
C ASP A 286 20.01 3.25 -10.98
N VAL A 287 21.01 2.94 -10.15
CA VAL A 287 22.28 3.70 -10.02
C VAL A 287 23.19 3.53 -11.24
N ARG A 288 22.82 2.70 -12.21
CA ARG A 288 23.56 2.56 -13.49
C ARG A 288 23.52 3.87 -14.28
N ALA A 289 22.43 4.63 -14.20
CA ALA A 289 22.17 5.85 -15.00
C ALA A 289 22.26 7.13 -14.14
N GLY A 290 21.87 7.08 -12.85
CA GLY A 290 21.90 8.25 -11.93
C GLY A 290 20.59 9.05 -11.94
N ASP A 291 19.65 8.68 -12.82
CA ASP A 291 18.41 9.44 -13.15
C ASP A 291 17.17 8.53 -13.22
N ARG A 292 17.32 7.20 -13.07
CA ARG A 292 16.22 6.23 -13.32
C ARG A 292 15.81 5.53 -12.03
N TYR A 293 14.49 5.28 -11.90
CA TYR A 293 13.84 4.87 -10.63
C TYR A 293 12.89 3.71 -10.88
N LEU A 294 12.85 2.82 -9.90
CA LEU A 294 12.06 1.57 -10.01
C LEU A 294 11.04 1.56 -8.90
N VAL A 295 9.80 1.17 -9.19
CA VAL A 295 8.79 0.96 -8.15
C VAL A 295 8.87 -0.51 -7.74
N ILE A 296 9.22 -0.76 -6.47
CA ILE A 296 9.53 -2.13 -5.96
C ILE A 296 8.43 -2.66 -5.04
N ASP A 297 7.74 -1.80 -4.31
CA ASP A 297 6.60 -2.27 -3.50
C ASP A 297 5.46 -1.25 -3.53
N ILE A 298 4.24 -1.74 -3.41
CA ILE A 298 3.04 -0.88 -3.24
C ILE A 298 2.25 -1.52 -2.10
N ASN A 299 2.08 -0.81 -0.99
CA ASN A 299 1.31 -1.35 0.15
C ASN A 299 0.10 -0.41 0.33
N TYR A 300 -1.08 -0.99 0.52
CA TYR A 300 -2.36 -0.26 0.74
C TYR A 300 -2.48 0.20 2.19
N PHE A 301 -2.97 1.43 2.40
CA PHE A 301 -3.26 1.95 3.76
C PHE A 301 -2.05 1.76 4.66
N PRO A 302 -0.86 2.28 4.32
CA PRO A 302 0.32 2.15 5.18
C PRO A 302 0.22 2.99 6.46
N GLY A 303 1.32 2.98 7.22
CA GLY A 303 1.51 3.62 8.53
C GLY A 303 1.64 5.11 8.40
N TYR A 304 0.61 5.81 7.97
CA TYR A 304 0.61 7.29 7.96
C TYR A 304 1.01 7.86 9.33
N ALA A 305 0.79 7.12 10.41
CA ALA A 305 0.91 7.70 11.76
C ALA A 305 2.38 7.98 12.01
N LYS A 306 3.21 7.53 11.07
CA LYS A 306 4.67 7.72 11.10
C LYS A 306 5.01 9.14 10.61
N MET A 307 4.70 9.53 9.36
CA MET A 307 4.93 10.93 8.86
C MET A 307 4.22 11.91 9.82
N PRO A 308 4.86 13.02 10.27
CA PRO A 308 4.20 13.95 11.21
C PRO A 308 3.27 14.93 10.45
N GLY A 309 2.24 15.44 11.12
CA GLY A 309 1.13 16.21 10.50
C GLY A 309 0.23 15.32 9.63
N TYR A 310 0.24 13.99 9.87
CA TYR A 310 -0.61 13.05 9.11
C TYR A 310 -2.08 13.39 9.40
N GLU A 311 -2.37 13.87 10.61
CA GLU A 311 -3.74 14.14 11.08
C GLU A 311 -4.38 15.14 10.12
N THR A 312 -3.64 16.19 9.80
CA THR A 312 -4.10 17.31 8.95
C THR A 312 -4.31 16.79 7.52
N VAL A 313 -3.38 15.96 7.03
CA VAL A 313 -3.51 15.40 5.67
C VAL A 313 -4.77 14.56 5.67
N LEU A 314 -4.92 13.68 6.65
CA LEU A 314 -6.02 12.70 6.58
C LEU A 314 -7.36 13.37 6.79
N THR A 315 -7.45 14.38 7.65
CA THR A 315 -8.71 15.15 7.90
C THR A 315 -9.07 15.96 6.66
N ASP A 316 -8.06 16.57 6.01
CA ASP A 316 -8.32 17.35 4.77
C ASP A 316 -8.88 16.41 3.71
N PHE A 317 -8.29 15.21 3.61
CA PHE A 317 -8.74 14.15 2.67
C PHE A 317 -10.15 13.69 2.97
N PHE A 318 -10.47 13.49 4.24
CA PHE A 318 -11.82 13.06 4.66
C PHE A 318 -12.82 14.13 4.26
N TRP A 319 -12.46 15.39 4.43
CA TRP A 319 -13.36 16.48 4.05
C TRP A 319 -13.62 16.43 2.55
N GLU A 320 -12.57 16.22 1.77
CA GLU A 320 -12.64 16.15 0.30
C GLU A 320 -13.57 15.00 -0.06
N MET A 321 -13.48 13.91 0.69
CA MET A 321 -14.25 12.67 0.37
C MET A 321 -15.74 12.82 0.70
N VAL A 322 -16.12 13.60 1.70
CA VAL A 322 -17.56 13.65 2.13
C VAL A 322 -18.28 14.79 1.40
N HIS A 323 -17.57 15.54 0.55
CA HIS A 323 -18.09 16.49 -0.49
C HIS A 323 -17.85 15.96 -1.93
N LYS A 324 -17.63 14.65 -2.12
CA LYS A 324 -17.32 13.99 -3.42
C LYS A 324 -18.51 14.18 -4.37
CL CL B . -1.11 4.29 10.81
#